data_5U69
#
_entry.id   5U69
#
_cell.length_a   58.047
_cell.length_b   85.400
_cell.length_c   91.977
_cell.angle_alpha   90.00
_cell.angle_beta   90.00
_cell.angle_gamma   90.00
#
_symmetry.space_group_name_H-M   'P 21 21 21'
#
loop_
_entity.id
_entity.type
_entity.pdbx_description
1 polymer 'Polycomb protein EED'
2 non-polymer (3R,4S)-1-[(2-methoxyphenyl)methyl]-N,N-dimethyl-4-(1-methylindol-3-yl)pyrrolidin-3-amine
3 water water
#
_entity_poly.entity_id   1
_entity_poly.type   'polypeptide(L)'
_entity_poly.pdbx_seq_one_letter_code
;GSHMKCKYSFKCVNSLKEDHNQPLFGVQFNWHSKEGDPLVFATVGSNRVTLYECHSQGEIRLLQSYVDADADENFYTCAW
TYDSNTSHPLLAVAGSRGIIRIINPITMQCIKHYVGHGNAINELKFHPRDPNLLLSVSKDHALRLWNIQTDTLVAIFGGV
EGHRDEVLSADYDLLGEKIMSCGMDHSLKLWRINSKRMMNAIKESYDYNPNKTNRPFISQKIHFPDFSTRDIHRNYVDCV
RWLGDLILSKSCENAIVCWKPGKMEDDIDKIKPSESNVTILGRFDYSQCDIWYMRFSMDFWQKMLALGNQVGKLYVWDLE
VEDPHKAKCTTLTHHKCGAAIRQTSFSRDSSILIAVCDDASIWRWDRLR
;
_entity_poly.pdbx_strand_id   A
#
# COMPACT_ATOMS: atom_id res chain seq x y z
N PHE A 10 -14.08 9.37 -17.09
CA PHE A 10 -13.02 10.28 -16.53
C PHE A 10 -12.50 11.27 -17.57
N LYS A 11 -12.32 12.52 -17.15
CA LYS A 11 -11.71 13.57 -17.97
C LYS A 11 -10.60 14.24 -17.17
N CYS A 12 -9.52 14.60 -17.85
CA CYS A 12 -8.39 15.25 -17.21
C CYS A 12 -8.74 16.72 -17.02
N VAL A 13 -8.80 17.14 -15.76
CA VAL A 13 -9.20 18.50 -15.40
C VAL A 13 -8.06 19.41 -14.94
N ASN A 14 -6.92 18.85 -14.53
CA ASN A 14 -5.79 19.66 -14.09
C ASN A 14 -4.53 18.82 -13.94
N SER A 15 -3.39 19.52 -13.87
CA SER A 15 -2.13 18.92 -13.53
C SER A 15 -1.24 19.95 -12.87
N LEU A 16 -0.21 19.49 -12.18
CA LEU A 16 0.84 20.38 -11.68
C LEU A 16 2.13 19.61 -11.47
N LYS A 17 3.19 20.32 -11.13
CA LYS A 17 4.49 19.69 -10.88
C LYS A 17 5.07 20.20 -9.57
N GLU A 18 5.62 19.29 -8.76
CA GLU A 18 6.30 19.69 -7.53
C GLU A 18 7.72 20.17 -7.83
N ASP A 19 8.17 21.11 -7.00
CA ASP A 19 9.40 21.88 -7.26
C ASP A 19 10.71 21.12 -7.14
N HIS A 20 10.67 19.95 -6.50
CA HIS A 20 11.88 19.11 -6.35
C HIS A 20 12.30 18.39 -7.64
N ASN A 21 11.35 18.22 -8.58
CA ASN A 21 11.62 17.55 -9.87
C ASN A 21 12.13 16.10 -9.76
N GLN A 22 11.86 15.46 -8.63
CA GLN A 22 12.22 14.05 -8.39
C GLN A 22 10.96 13.18 -8.51
N PRO A 23 11.14 11.86 -8.65
CA PRO A 23 9.95 11.02 -8.76
C PRO A 23 9.01 11.12 -7.57
N LEU A 24 7.73 11.17 -7.86
CA LEU A 24 6.71 10.94 -6.84
C LEU A 24 6.41 9.45 -6.82
N PHE A 25 6.72 8.82 -5.69
CA PHE A 25 6.56 7.39 -5.54
C PHE A 25 5.19 6.98 -5.07
N GLY A 26 4.49 7.88 -4.39
CA GLY A 26 3.22 7.52 -3.79
C GLY A 26 2.20 8.63 -3.76
N VAL A 27 0.93 8.24 -3.77
CA VAL A 27 -0.19 9.17 -3.62
C VAL A 27 -1.30 8.42 -2.90
N GLN A 28 -1.94 9.08 -1.95
CA GLN A 28 -3.07 8.48 -1.24
C GLN A 28 -4.08 9.55 -0.89
N PHE A 29 -5.32 9.39 -1.34
CA PHE A 29 -6.44 10.14 -0.77
C PHE A 29 -6.65 9.73 0.68
N ASN A 30 -7.08 10.69 1.50
CA ASN A 30 -7.50 10.42 2.87
C ASN A 30 -8.95 9.94 2.85
N TRP A 31 -9.14 8.62 2.94
CA TRP A 31 -10.50 8.06 2.99
C TRP A 31 -11.16 8.23 4.36
N HIS A 32 -10.45 8.84 5.31
CA HIS A 32 -11.01 9.23 6.59
C HIS A 32 -11.34 10.72 6.69
N SER A 33 -11.36 11.44 5.56
CA SER A 33 -11.72 12.87 5.58
C SER A 33 -13.18 13.02 6.02
N LYS A 34 -13.47 14.11 6.70
CA LYS A 34 -14.74 14.26 7.42
C LYS A 34 -15.83 14.81 6.51
N GLU A 35 -17.09 14.53 6.86
CA GLU A 35 -18.23 15.03 6.08
C GLU A 35 -18.22 16.55 6.03
N GLY A 36 -18.44 17.10 4.84
CA GLY A 36 -18.43 18.55 4.62
C GLY A 36 -17.06 19.17 4.38
N ASP A 37 -15.99 18.40 4.55
CA ASP A 37 -14.64 18.89 4.27
C ASP A 37 -14.23 18.48 2.86
N PRO A 38 -13.38 19.28 2.19
CA PRO A 38 -12.92 18.89 0.87
C PRO A 38 -12.11 17.60 0.91
N LEU A 39 -12.04 16.96 -0.26
CA LEU A 39 -11.22 15.78 -0.42
C LEU A 39 -9.75 16.19 -0.42
N VAL A 40 -8.92 15.39 0.27
CA VAL A 40 -7.51 15.69 0.45
C VAL A 40 -6.70 14.47 0.06
N PHE A 41 -5.58 14.70 -0.62
CA PHE A 41 -4.62 13.63 -0.89
C PHE A 41 -3.21 14.05 -0.51
N ALA A 42 -2.39 13.05 -0.21
CA ALA A 42 -0.98 13.22 0.08
C ALA A 42 -0.16 12.67 -1.08
N THR A 43 0.97 13.32 -1.35
CA THR A 43 1.99 12.77 -2.25
C THR A 43 3.30 12.63 -1.48
N VAL A 44 4.13 11.65 -1.86
CA VAL A 44 5.47 11.48 -1.31
C VAL A 44 6.49 11.34 -2.42
N GLY A 45 7.59 12.06 -2.27
CA GLY A 45 8.71 11.99 -3.20
C GLY A 45 9.80 12.89 -2.69
N SER A 46 11.01 12.73 -3.21
CA SER A 46 12.18 13.40 -2.61
C SER A 46 12.14 13.12 -1.09
N ASN A 47 12.48 14.12 -0.28
CA ASN A 47 12.41 14.02 1.18
C ASN A 47 11.18 14.69 1.75
N ARG A 48 10.06 14.65 1.04
CA ARG A 48 8.86 15.33 1.52
C ARG A 48 7.58 14.59 1.32
N VAL A 49 6.60 15.05 2.08
CA VAL A 49 5.21 14.68 1.89
C VAL A 49 4.42 15.98 1.79
N THR A 50 3.45 16.03 0.87
CA THR A 50 2.69 17.24 0.60
C THR A 50 1.22 16.90 0.59
N LEU A 51 0.39 17.77 1.16
CA LEU A 51 -1.07 17.63 1.09
C LEU A 51 -1.68 18.66 0.15
N TYR A 52 -2.70 18.21 -0.56
CA TYR A 52 -3.49 19.02 -1.48
C TYR A 52 -4.98 18.79 -1.24
N GLU A 53 -5.78 19.81 -1.50
CA GLU A 53 -7.24 19.70 -1.49
C GLU A 53 -7.77 19.80 -2.89
N CYS A 54 -8.77 18.98 -3.19
CA CYS A 54 -9.46 19.03 -4.48
C CYS A 54 -10.66 19.97 -4.38
N HIS A 55 -10.71 20.92 -5.31
CA HIS A 55 -11.80 21.88 -5.39
C HIS A 55 -12.41 21.90 -6.78
N SER A 56 -13.48 22.69 -6.92
CA SER A 56 -14.20 22.77 -8.18
C SER A 56 -13.34 23.37 -9.30
N GLN A 57 -13.81 23.18 -10.53
CA GLN A 57 -13.08 23.63 -11.74
C GLN A 57 -11.67 23.03 -11.81
N GLY A 58 -11.54 21.81 -11.30
CA GLY A 58 -10.27 21.10 -11.32
C GLY A 58 -9.18 21.60 -10.40
N GLU A 59 -9.48 22.57 -9.53
CA GLU A 59 -8.43 23.18 -8.71
C GLU A 59 -7.81 22.15 -7.77
N ILE A 60 -6.47 22.14 -7.74
CA ILE A 60 -5.69 21.33 -6.80
C ILE A 60 -5.00 22.35 -5.89
N ARG A 61 -5.54 22.53 -4.68
CA ARG A 61 -5.06 23.59 -3.78
C ARG A 61 -3.95 23.07 -2.87
N LEU A 62 -2.76 23.67 -2.98
CA LEU A 62 -1.60 23.31 -2.17
C LEU A 62 -1.78 23.76 -0.73
N LEU A 63 -1.54 22.86 0.22
CA LEU A 63 -1.65 23.17 1.64
C LEU A 63 -0.25 23.35 2.24
N GLN A 64 0.37 22.27 2.70
CA GLN A 64 1.61 22.35 3.45
C GLN A 64 2.31 21.01 3.36
N SER A 65 3.64 21.03 3.38
CA SER A 65 4.49 19.85 3.36
C SER A 65 5.16 19.61 4.70
N TYR A 66 5.58 18.37 4.89
CA TYR A 66 6.61 17.97 5.85
C TYR A 66 7.85 17.67 5.04
N VAL A 67 8.97 18.28 5.40
CA VAL A 67 10.26 18.05 4.74
C VAL A 67 11.21 17.47 5.76
N ASP A 68 11.79 16.32 5.45
CA ASP A 68 12.68 15.64 6.37
C ASP A 68 13.92 16.48 6.62
N ALA A 69 14.40 16.41 7.86
CA ALA A 69 15.65 17.08 8.24
C ALA A 69 16.87 16.59 7.45
N ASP A 70 16.83 15.32 7.03
CA ASP A 70 17.87 14.74 6.21
C ASP A 70 17.56 14.97 4.73
N ALA A 71 18.39 15.74 4.05
CA ALA A 71 18.24 15.97 2.61
C ALA A 71 18.31 14.68 1.78
N ASP A 72 18.95 13.65 2.33
CA ASP A 72 19.09 12.35 1.65
C ASP A 72 17.99 11.32 1.97
N GLU A 73 17.01 11.68 2.80
CA GLU A 73 15.81 10.85 2.96
C GLU A 73 15.07 10.80 1.63
N ASN A 74 14.46 9.65 1.32
CA ASN A 74 13.62 9.50 0.15
C ASN A 74 12.38 8.78 0.67
N PHE A 75 11.24 9.49 0.77
CA PHE A 75 10.01 8.83 1.21
C PHE A 75 9.45 8.02 0.03
N TYR A 76 9.11 6.77 0.32
CA TYR A 76 8.64 5.82 -0.68
C TYR A 76 7.16 5.49 -0.57
N THR A 77 6.56 5.77 0.57
CA THR A 77 5.22 5.27 0.87
C THR A 77 4.56 6.16 1.88
N CYS A 78 3.24 6.20 1.83
CA CYS A 78 2.45 6.83 2.87
C CYS A 78 1.12 6.11 3.01
N ALA A 79 0.48 6.28 4.16
CA ALA A 79 -0.79 5.64 4.45
C ALA A 79 -1.52 6.43 5.53
N TRP A 80 -2.82 6.56 5.38
CA TRP A 80 -3.66 7.31 6.32
C TRP A 80 -4.31 6.41 7.34
N THR A 81 -4.45 6.97 8.56
CA THR A 81 -5.27 6.37 9.59
C THR A 81 -5.93 7.50 10.38
N TYR A 82 -6.43 7.19 11.56
CA TYR A 82 -6.94 8.21 12.46
C TYR A 82 -6.57 7.83 13.89
N ASP A 83 -6.57 8.82 14.76
CA ASP A 83 -6.34 8.61 16.18
C ASP A 83 -7.59 7.93 16.76
N SER A 84 -7.40 6.78 17.41
CA SER A 84 -8.52 5.97 17.88
C SER A 84 -9.30 6.61 19.02
N ASN A 85 -8.70 7.60 19.71
CA ASN A 85 -9.39 8.30 20.79
C ASN A 85 -10.04 9.60 20.33
N THR A 86 -9.37 10.36 19.46
CA THR A 86 -9.85 11.69 19.07
C THR A 86 -10.59 11.75 17.74
N SER A 87 -10.36 10.73 16.89
CA SER A 87 -10.87 10.64 15.51
C SER A 87 -10.09 11.44 14.47
N HIS A 88 -9.11 12.23 14.89
CA HIS A 88 -8.42 13.07 13.93
C HIS A 88 -7.54 12.23 13.00
N PRO A 89 -7.59 12.51 11.69
CA PRO A 89 -6.70 11.79 10.77
C PRO A 89 -5.21 11.93 11.10
N LEU A 90 -4.46 10.89 10.75
CA LEU A 90 -3.02 10.81 10.90
C LEU A 90 -2.45 10.29 9.59
N LEU A 91 -1.23 10.69 9.27
CA LEU A 91 -0.55 10.26 8.05
C LEU A 91 0.78 9.62 8.41
N ALA A 92 0.95 8.35 8.03
CA ALA A 92 2.23 7.69 8.21
C ALA A 92 3.04 7.74 6.92
N VAL A 93 4.34 8.02 7.05
CA VAL A 93 5.26 8.05 5.91
C VAL A 93 6.55 7.31 6.26
N ALA A 94 7.20 6.76 5.24
CA ALA A 94 8.46 6.07 5.44
C ALA A 94 9.18 5.92 4.12
N GLY A 95 10.47 5.62 4.20
CA GLY A 95 11.24 5.34 3.01
C GLY A 95 12.66 4.88 3.28
N SER A 96 13.61 5.50 2.57
CA SER A 96 14.97 4.97 2.54
C SER A 96 15.70 4.95 3.88
N ARG A 97 15.41 5.90 4.77
CA ARG A 97 16.06 5.91 6.09
C ARG A 97 15.54 4.79 7.03
N GLY A 98 14.43 4.16 6.69
CA GLY A 98 13.86 3.14 7.55
C GLY A 98 13.22 3.68 8.82
N ILE A 99 12.73 4.91 8.74
CA ILE A 99 12.06 5.56 9.86
C ILE A 99 10.58 5.77 9.49
N ILE A 100 9.68 5.25 10.30
CA ILE A 100 8.26 5.52 10.14
C ILE A 100 7.95 6.81 10.91
N ARG A 101 7.36 7.78 10.23
CA ARG A 101 6.92 9.02 10.87
C ARG A 101 5.42 9.09 10.88
N ILE A 102 4.85 9.43 12.04
CA ILE A 102 3.43 9.67 12.19
C ILE A 102 3.26 11.19 12.20
N ILE A 103 2.60 11.71 11.17
CA ILE A 103 2.48 13.14 10.92
C ILE A 103 1.05 13.60 11.22
N ASN A 104 0.95 14.72 11.93
CA ASN A 104 -0.30 15.44 12.12
C ASN A 104 -0.57 16.19 10.81
N PRO A 105 -1.61 15.82 10.04
CA PRO A 105 -1.79 16.45 8.73
C PRO A 105 -2.19 17.91 8.80
N ILE A 106 -2.75 18.34 9.93
CA ILE A 106 -3.18 19.73 10.07
C ILE A 106 -1.96 20.65 10.07
N THR A 107 -1.02 20.37 10.96
CA THR A 107 0.16 21.22 11.16
C THR A 107 1.42 20.72 10.46
N MET A 108 1.36 19.49 9.96
CA MET A 108 2.51 18.75 9.41
C MET A 108 3.63 18.52 10.43
N GLN A 109 3.30 18.54 11.72
CA GLN A 109 4.23 18.13 12.77
C GLN A 109 4.41 16.63 12.76
N CYS A 110 5.64 16.20 13.01
CA CYS A 110 5.91 14.78 13.26
C CYS A 110 5.63 14.52 14.74
N ILE A 111 4.57 13.76 14.99
CA ILE A 111 4.12 13.43 16.34
C ILE A 111 5.08 12.48 17.02
N LYS A 112 5.50 11.46 16.27
CA LYS A 112 6.37 10.41 16.79
C LYS A 112 6.90 9.60 15.62
N HIS A 113 7.90 8.78 15.92
CA HIS A 113 8.53 7.98 14.88
C HIS A 113 8.96 6.63 15.42
N TYR A 114 9.15 5.68 14.51
CA TYR A 114 9.53 4.31 14.83
C TYR A 114 10.67 3.85 13.97
N VAL A 115 11.51 2.99 14.52
CA VAL A 115 12.61 2.40 13.77
C VAL A 115 12.65 0.93 14.13
N GLY A 116 12.75 0.08 13.10
CA GLY A 116 12.98 -1.36 13.28
C GLY A 116 14.47 -1.59 13.38
N HIS A 117 15.07 -2.07 12.30
CA HIS A 117 16.54 -2.16 12.19
C HIS A 117 17.17 -1.03 11.37
N GLY A 118 16.34 -0.09 10.89
CA GLY A 118 16.84 1.07 10.16
C GLY A 118 17.06 0.88 8.67
N ASN A 119 16.46 -0.17 8.10
CA ASN A 119 16.59 -0.48 6.67
C ASN A 119 15.38 0.06 5.91
N ALA A 120 15.54 0.32 4.61
CA ALA A 120 14.50 1.02 3.84
C ALA A 120 13.15 0.34 3.95
N ILE A 121 12.11 1.16 4.04
CA ILE A 121 10.72 0.70 4.09
C ILE A 121 10.07 1.01 2.76
N ASN A 122 9.55 -0.03 2.12
CA ASN A 122 9.01 0.07 0.77
C ASN A 122 7.51 0.27 0.69
N GLU A 123 6.79 -0.11 1.74
CA GLU A 123 5.35 0.09 1.79
C GLU A 123 4.86 0.08 3.23
N LEU A 124 3.83 0.90 3.48
CA LEU A 124 3.06 0.91 4.72
C LEU A 124 1.60 0.64 4.41
N LYS A 125 0.94 -0.13 5.29
CA LYS A 125 -0.51 -0.39 5.18
C LYS A 125 -1.13 -0.42 6.58
N PHE A 126 -2.28 0.22 6.75
CA PHE A 126 -3.04 0.07 7.99
C PHE A 126 -4.06 -1.05 7.91
N HIS A 127 -4.27 -1.69 9.05
CA HIS A 127 -5.24 -2.78 9.20
C HIS A 127 -6.63 -2.23 8.90
N PRO A 128 -7.47 -3.01 8.21
CA PRO A 128 -8.76 -2.48 7.78
C PRO A 128 -9.78 -2.27 8.88
N ARG A 129 -9.59 -2.90 10.03
CA ARG A 129 -10.52 -2.76 11.15
C ARG A 129 -9.94 -2.09 12.40
N ASP A 130 -8.62 -2.02 12.51
CA ASP A 130 -7.97 -1.45 13.68
C ASP A 130 -7.02 -0.35 13.23
N PRO A 131 -7.36 0.92 13.48
CA PRO A 131 -6.54 2.02 12.99
C PRO A 131 -5.13 2.11 13.59
N ASN A 132 -4.89 1.36 14.66
CA ASN A 132 -3.57 1.39 15.31
C ASN A 132 -2.56 0.39 14.76
N LEU A 133 -3.01 -0.55 13.93
CA LEU A 133 -2.11 -1.63 13.49
C LEU A 133 -1.53 -1.31 12.12
N LEU A 134 -0.23 -1.04 12.13
CA LEU A 134 0.50 -0.58 10.96
C LEU A 134 1.49 -1.64 10.51
N LEU A 135 1.37 -2.03 9.25
CA LEU A 135 2.28 -3.01 8.66
C LEU A 135 3.31 -2.30 7.80
N SER A 136 4.58 -2.63 7.99
CA SER A 136 5.67 -2.09 7.19
C SER A 136 6.39 -3.25 6.51
N VAL A 137 6.81 -3.05 5.27
CA VAL A 137 7.59 -4.07 4.55
C VAL A 137 8.94 -3.47 4.17
N SER A 138 9.99 -4.28 4.27
CA SER A 138 11.35 -3.76 4.28
C SER A 138 12.30 -4.36 3.27
N LYS A 139 13.27 -3.54 2.90
CA LYS A 139 14.46 -3.94 2.19
C LYS A 139 15.21 -5.08 2.88
N ASP A 140 15.10 -5.19 4.21
CA ASP A 140 15.78 -6.26 4.95
C ASP A 140 15.08 -7.63 4.96
N HIS A 141 14.04 -7.77 4.14
CA HIS A 141 13.36 -9.04 3.82
C HIS A 141 12.21 -9.35 4.77
N ALA A 142 11.99 -8.51 5.78
CA ALA A 142 10.95 -8.75 6.78
C ALA A 142 9.78 -7.81 6.62
N LEU A 143 8.65 -8.26 7.17
CA LEU A 143 7.50 -7.39 7.47
C LEU A 143 7.46 -7.15 8.97
N ARG A 144 6.95 -6.00 9.38
CA ARG A 144 6.84 -5.67 10.80
C ARG A 144 5.44 -5.12 11.05
N LEU A 145 4.81 -5.61 12.11
CA LEU A 145 3.50 -5.13 12.55
C LEU A 145 3.67 -4.30 13.82
N TRP A 146 3.25 -3.03 13.76
CA TRP A 146 3.38 -2.08 14.85
C TRP A 146 2.01 -1.74 15.40
N ASN A 147 1.96 -1.50 16.70
CA ASN A 147 0.78 -0.92 17.38
C ASN A 147 1.14 0.52 17.71
N ILE A 148 0.53 1.46 16.98
CA ILE A 148 0.86 2.89 17.12
C ILE A 148 0.01 3.60 18.18
N GLN A 149 -0.74 2.83 18.98
CA GLN A 149 -1.34 3.34 20.21
C GLN A 149 -0.36 3.17 21.37
N THR A 150 0.18 1.96 21.54
CA THR A 150 1.11 1.68 22.65
C THR A 150 2.59 1.75 22.24
N ASP A 151 2.87 2.08 20.98
CA ASP A 151 4.23 2.25 20.46
C ASP A 151 5.06 0.98 20.58
N THR A 152 4.45 -0.15 20.19
CA THR A 152 5.06 -1.48 20.31
C THR A 152 5.21 -2.16 18.94
N LEU A 153 6.29 -2.93 18.83
CA LEU A 153 6.51 -3.81 17.69
C LEU A 153 5.87 -5.15 18.08
N VAL A 154 4.76 -5.49 17.44
CA VAL A 154 3.97 -6.66 17.78
C VAL A 154 4.64 -7.94 17.26
N ALA A 155 5.10 -7.87 16.02
CA ALA A 155 5.61 -9.06 15.37
C ALA A 155 6.51 -8.72 14.17
N ILE A 156 7.47 -9.61 13.90
CA ILE A 156 8.35 -9.53 12.74
C ILE A 156 8.13 -10.82 11.96
N PHE A 157 7.85 -10.68 10.66
CA PHE A 157 7.58 -11.81 9.77
C PHE A 157 8.78 -11.98 8.86
N GLY A 158 9.52 -13.06 9.04
CA GLY A 158 10.79 -13.24 8.34
C GLY A 158 11.28 -14.66 8.45
N GLY A 159 12.56 -14.82 8.78
CA GLY A 159 13.20 -16.13 8.83
C GLY A 159 13.61 -16.63 7.45
N VAL A 160 14.34 -17.74 7.43
CA VAL A 160 14.80 -18.27 6.16
C VAL A 160 13.66 -18.79 5.26
N GLU A 161 12.52 -19.16 5.83
CA GLU A 161 11.33 -19.52 5.04
C GLU A 161 10.44 -18.32 4.70
N GLY A 162 10.78 -17.15 5.23
CA GLY A 162 10.18 -15.89 4.79
C GLY A 162 10.84 -15.39 3.52
N HIS A 163 10.64 -14.12 3.21
CA HIS A 163 11.22 -13.56 1.98
C HIS A 163 12.73 -13.59 2.03
N ARG A 164 13.33 -13.77 0.86
CA ARG A 164 14.79 -13.88 0.71
C ARG A 164 15.41 -12.71 -0.05
N ASP A 165 14.62 -11.67 -0.28
CA ASP A 165 15.09 -10.43 -0.88
C ASP A 165 14.09 -9.35 -0.44
N GLU A 166 14.28 -8.12 -0.90
CA GLU A 166 13.43 -7.02 -0.43
C GLU A 166 11.96 -7.35 -0.58
N VAL A 167 11.18 -6.98 0.42
CA VAL A 167 9.72 -7.08 0.35
C VAL A 167 9.23 -5.76 -0.26
N LEU A 168 8.42 -5.84 -1.29
CA LEU A 168 7.99 -4.66 -2.05
C LEU A 168 6.58 -4.17 -1.76
N SER A 169 5.70 -5.09 -1.38
CA SER A 169 4.30 -4.74 -1.15
C SER A 169 3.67 -5.77 -0.22
N ALA A 170 2.57 -5.38 0.40
CA ALA A 170 1.75 -6.33 1.15
C ALA A 170 0.34 -5.77 1.29
N ASP A 171 -0.60 -6.65 1.63
CA ASP A 171 -1.98 -6.25 1.80
C ASP A 171 -2.68 -7.12 2.81
N TYR A 172 -3.48 -6.49 3.66
CA TYR A 172 -4.41 -7.21 4.52
C TYR A 172 -5.66 -7.62 3.73
N ASP A 173 -6.23 -8.76 4.11
CA ASP A 173 -7.55 -9.15 3.58
C ASP A 173 -8.66 -8.31 4.20
N LEU A 174 -9.89 -8.60 3.82
CA LEU A 174 -11.06 -7.82 4.20
C LEU A 174 -11.11 -7.47 5.67
N LEU A 175 -10.99 -8.50 6.50
CA LEU A 175 -11.13 -8.29 7.95
C LEU A 175 -9.82 -8.20 8.67
N GLY A 176 -8.70 -8.24 7.95
CA GLY A 176 -7.40 -8.17 8.60
C GLY A 176 -7.08 -9.41 9.40
N GLU A 177 -7.51 -10.55 8.89
CA GLU A 177 -7.18 -11.86 9.46
C GLU A 177 -5.88 -12.42 8.88
N LYS A 178 -5.46 -11.92 7.72
CA LYS A 178 -4.27 -12.44 7.06
C LYS A 178 -3.70 -11.39 6.11
N ILE A 179 -2.42 -11.59 5.78
CA ILE A 179 -1.64 -10.66 4.97
C ILE A 179 -1.05 -11.47 3.81
N MET A 180 -1.07 -10.90 2.62
CA MET A 180 -0.27 -11.44 1.50
C MET A 180 0.83 -10.44 1.22
N SER A 181 2.07 -10.90 1.17
CA SER A 181 3.25 -10.07 0.88
C SER A 181 3.91 -10.53 -0.40
N CYS A 182 4.74 -9.68 -1.00
CA CYS A 182 5.44 -10.04 -2.22
C CYS A 182 6.72 -9.25 -2.38
N GLY A 183 7.65 -9.74 -3.18
CA GLY A 183 8.83 -8.95 -3.46
C GLY A 183 9.82 -9.44 -4.50
N MET A 184 11.07 -9.02 -4.29
CA MET A 184 12.14 -9.25 -5.26
C MET A 184 12.54 -10.71 -5.41
N ASP A 185 12.17 -11.56 -4.46
CA ASP A 185 12.43 -13.00 -4.60
C ASP A 185 11.42 -13.72 -5.50
N HIS A 186 10.53 -12.97 -6.15
CA HIS A 186 9.51 -13.48 -7.09
C HIS A 186 8.34 -14.15 -6.39
N SER A 187 8.31 -14.14 -5.05
CA SER A 187 7.31 -14.90 -4.32
C SER A 187 6.19 -14.04 -3.76
N LEU A 188 5.07 -14.71 -3.54
CA LEU A 188 3.94 -14.21 -2.77
C LEU A 188 3.76 -15.14 -1.57
N LYS A 189 3.65 -14.55 -0.38
CA LYS A 189 3.59 -15.30 0.88
C LYS A 189 2.40 -14.87 1.72
N LEU A 190 1.71 -15.83 2.30
CA LEU A 190 0.56 -15.61 3.16
C LEU A 190 0.99 -15.70 4.61
N TRP A 191 0.53 -14.78 5.43
CA TRP A 191 0.81 -14.78 6.86
C TRP A 191 -0.51 -14.55 7.60
N ARG A 192 -0.96 -15.56 8.34
CA ARG A 192 -2.20 -15.44 9.10
C ARG A 192 -1.94 -14.70 10.41
N ILE A 193 -2.77 -13.71 10.70
CA ILE A 193 -2.65 -12.96 11.96
C ILE A 193 -3.85 -13.15 12.87
N ASN A 194 -4.71 -14.12 12.54
CA ASN A 194 -5.82 -14.53 13.42
C ASN A 194 -5.54 -15.86 14.10
N SER A 195 -4.27 -16.28 14.10
CA SER A 195 -3.84 -17.42 14.92
C SER A 195 -4.00 -17.07 16.40
N LYS A 196 -4.08 -18.10 17.25
CA LYS A 196 -4.13 -17.84 18.69
C LYS A 196 -2.92 -17.02 19.14
N ARG A 197 -1.74 -17.35 18.61
CA ARG A 197 -0.51 -16.66 18.96
C ARG A 197 -0.56 -15.17 18.60
N MET A 198 -0.97 -14.86 17.38
CA MET A 198 -1.01 -13.47 16.93
C MET A 198 -2.14 -12.69 17.58
N MET A 199 -3.29 -13.30 17.80
CA MET A 199 -4.36 -12.59 18.51
C MET A 199 -3.93 -12.25 19.93
N ASN A 200 -3.24 -13.18 20.58
CA ASN A 200 -2.72 -12.96 21.91
C ASN A 200 -1.65 -11.85 21.91
N ALA A 201 -0.77 -11.87 20.91
CA ALA A 201 0.28 -10.86 20.81
C ALA A 201 -0.31 -9.45 20.65
N ILE A 202 -1.34 -9.33 19.82
CA ILE A 202 -2.00 -8.04 19.63
C ILE A 202 -2.65 -7.59 20.94
N LYS A 203 -3.35 -8.51 21.60
CA LYS A 203 -3.94 -8.20 22.91
C LYS A 203 -2.88 -7.71 23.90
N GLU A 204 -1.77 -8.43 23.99
CA GLU A 204 -0.69 -8.04 24.88
C GLU A 204 -0.10 -6.69 24.51
N SER A 205 -0.01 -6.39 23.21
CA SER A 205 0.51 -5.08 22.80
C SER A 205 -0.36 -3.94 23.34
N TYR A 206 -1.67 -4.14 23.38
CA TYR A 206 -2.57 -3.14 23.96
C TYR A 206 -2.48 -2.99 25.48
N ASP A 207 -2.08 -4.07 26.14
CA ASP A 207 -1.93 -4.08 27.59
C ASP A 207 -0.56 -3.58 28.05
N TYR A 208 0.34 -3.26 27.12
CA TYR A 208 1.69 -2.84 27.47
C TYR A 208 1.79 -1.33 27.72
N ASN A 209 2.27 -0.99 28.91
CA ASN A 209 2.58 0.40 29.25
C ASN A 209 3.93 0.39 29.95
N PRO A 210 4.98 0.94 29.30
CA PRO A 210 6.33 0.81 29.88
C PRO A 210 6.48 1.54 31.21
N ASN A 211 5.62 2.52 31.47
CA ASN A 211 5.63 3.24 32.75
C ASN A 211 5.07 2.43 33.93
N LYS A 212 4.39 1.31 33.65
CA LYS A 212 3.74 0.49 34.67
C LYS A 212 4.33 -0.91 34.82
N THR A 213 5.47 -1.15 34.19
CA THR A 213 6.11 -2.47 34.25
C THR A 213 7.61 -2.35 34.10
N ASN A 214 8.31 -3.45 34.35
CA ASN A 214 9.77 -3.54 34.19
C ASN A 214 10.20 -4.21 32.89
N ARG A 215 9.30 -5.00 32.29
CA ARG A 215 9.64 -5.78 31.11
C ARG A 215 9.70 -4.92 29.87
N PRO A 216 10.58 -5.27 28.91
CA PRO A 216 10.41 -4.78 27.55
C PRO A 216 9.23 -5.50 26.92
N PHE A 217 8.65 -4.95 25.86
CA PHE A 217 7.62 -5.66 25.14
C PHE A 217 8.29 -6.67 24.19
N ILE A 218 7.86 -7.94 24.28
CA ILE A 218 8.42 -9.01 23.45
C ILE A 218 7.68 -9.06 22.12
N SER A 219 8.40 -8.94 21.01
CA SER A 219 7.80 -9.09 19.67
C SER A 219 7.79 -10.56 19.26
N GLN A 220 6.75 -10.99 18.54
CA GLN A 220 6.74 -12.33 18.00
C GLN A 220 7.71 -12.43 16.83
N LYS A 221 8.41 -13.55 16.72
CA LYS A 221 9.13 -13.83 15.47
C LYS A 221 8.35 -14.91 14.74
N ILE A 222 7.77 -14.51 13.61
CA ILE A 222 6.97 -15.39 12.79
C ILE A 222 7.85 -15.78 11.60
N HIS A 223 8.26 -17.04 11.58
CA HIS A 223 9.28 -17.50 10.64
C HIS A 223 8.77 -18.45 9.57
N PHE A 224 7.46 -18.68 9.52
CA PHE A 224 6.88 -19.63 8.57
C PHE A 224 5.61 -19.07 8.00
N PRO A 225 5.62 -18.74 6.69
CA PRO A 225 4.37 -18.36 6.04
C PRO A 225 3.40 -19.52 5.99
N ASP A 226 2.12 -19.16 5.94
CA ASP A 226 1.02 -20.13 5.80
C ASP A 226 0.76 -20.62 4.36
N PHE A 227 1.43 -19.99 3.40
CA PHE A 227 1.41 -20.39 2.00
C PHE A 227 2.52 -19.60 1.32
N SER A 228 3.13 -20.19 0.28
CA SER A 228 4.09 -19.46 -0.53
C SER A 228 4.03 -19.97 -1.96
N THR A 229 4.16 -19.05 -2.93
CA THR A 229 4.28 -19.45 -4.34
C THR A 229 5.27 -18.57 -5.06
N ARG A 230 5.97 -19.17 -6.01
CA ARG A 230 6.77 -18.44 -7.01
C ARG A 230 6.27 -18.77 -8.41
N ASP A 231 5.03 -19.24 -8.51
CA ASP A 231 4.48 -19.75 -9.77
C ASP A 231 3.59 -18.77 -10.52
N ILE A 232 3.44 -17.55 -10.02
CA ILE A 232 2.56 -16.56 -10.65
C ILE A 232 3.30 -15.66 -11.65
N HIS A 233 4.44 -15.15 -11.23
CA HIS A 233 5.25 -14.20 -12.00
C HIS A 233 6.66 -14.75 -12.12
N ARG A 234 7.42 -14.18 -13.05
CA ARG A 234 8.81 -14.58 -13.31
C ARG A 234 9.80 -13.43 -13.10
N ASN A 235 9.42 -12.46 -12.27
CA ASN A 235 10.30 -11.32 -11.96
C ASN A 235 9.82 -10.71 -10.64
N TYR A 236 10.39 -9.56 -10.26
CA TYR A 236 10.03 -8.90 -9.01
C TYR A 236 8.53 -8.68 -8.94
N VAL A 237 7.92 -9.08 -7.82
CA VAL A 237 6.48 -8.88 -7.64
C VAL A 237 6.33 -7.60 -6.81
N ASP A 238 5.80 -6.55 -7.43
CA ASP A 238 5.88 -5.21 -6.85
C ASP A 238 4.55 -4.62 -6.38
N CYS A 239 3.46 -5.36 -6.48
CA CYS A 239 2.17 -4.88 -5.97
C CYS A 239 1.23 -6.07 -5.78
N VAL A 240 0.51 -6.08 -4.66
CA VAL A 240 -0.44 -7.14 -4.33
C VAL A 240 -1.66 -6.55 -3.64
N ARG A 241 -2.84 -7.09 -3.94
CA ARG A 241 -4.07 -6.71 -3.26
C ARG A 241 -5.00 -7.90 -3.22
N TRP A 242 -5.68 -8.09 -2.10
CA TRP A 242 -6.77 -9.06 -2.02
C TRP A 242 -7.97 -8.53 -2.77
N LEU A 243 -8.69 -9.46 -3.41
CA LEU A 243 -10.00 -9.18 -3.98
C LEU A 243 -10.91 -10.27 -3.43
N GLY A 244 -11.49 -10.01 -2.26
CA GLY A 244 -12.15 -11.07 -1.51
C GLY A 244 -11.14 -12.15 -1.09
N ASP A 245 -11.40 -13.40 -1.48
CA ASP A 245 -10.50 -14.52 -1.22
C ASP A 245 -9.47 -14.73 -2.33
N LEU A 246 -9.57 -13.94 -3.40
CA LEU A 246 -8.63 -14.00 -4.51
C LEU A 246 -7.54 -12.96 -4.32
N ILE A 247 -6.49 -13.08 -5.11
CA ILE A 247 -5.36 -12.14 -5.11
C ILE A 247 -5.20 -11.53 -6.49
N LEU A 248 -4.91 -10.23 -6.52
CA LEU A 248 -4.40 -9.53 -7.68
C LEU A 248 -2.94 -9.20 -7.42
N SER A 249 -2.06 -9.53 -8.35
CA SER A 249 -0.65 -9.18 -8.18
C SER A 249 -0.03 -8.89 -9.53
N LYS A 250 1.05 -8.12 -9.52
CA LYS A 250 1.79 -7.84 -10.75
C LYS A 250 3.27 -7.87 -10.53
N SER A 251 3.95 -8.08 -11.65
CA SER A 251 5.37 -7.93 -11.79
C SER A 251 5.59 -6.92 -12.92
N CYS A 252 6.74 -7.01 -13.60
CA CYS A 252 7.08 -6.10 -14.69
C CYS A 252 6.87 -6.77 -16.05
N GLU A 253 5.85 -7.62 -16.15
CA GLU A 253 5.62 -8.44 -17.33
C GLU A 253 4.34 -8.03 -18.05
N ASN A 254 3.91 -6.78 -17.84
CA ASN A 254 2.75 -6.19 -18.51
C ASN A 254 1.45 -6.94 -18.20
N ALA A 255 1.33 -7.40 -16.95
CA ALA A 255 0.16 -8.15 -16.52
C ALA A 255 -0.12 -8.03 -15.03
N ILE A 256 -1.40 -7.88 -14.72
CA ILE A 256 -1.92 -8.12 -13.38
C ILE A 256 -2.60 -9.49 -13.44
N VAL A 257 -2.17 -10.41 -12.59
CA VAL A 257 -2.74 -11.77 -12.55
C VAL A 257 -3.73 -11.86 -11.39
N CYS A 258 -4.89 -12.45 -11.66
CA CYS A 258 -5.86 -12.77 -10.62
C CYS A 258 -5.77 -14.28 -10.36
N TRP A 259 -5.46 -14.64 -9.12
CA TRP A 259 -5.19 -16.02 -8.77
C TRP A 259 -5.62 -16.35 -7.35
N LYS A 260 -5.59 -17.63 -7.01
CA LYS A 260 -5.81 -18.07 -5.64
C LYS A 260 -4.90 -19.23 -5.28
N PRO A 261 -4.56 -19.36 -4.00
CA PRO A 261 -3.88 -20.56 -3.55
C PRO A 261 -4.75 -21.80 -3.71
N GLY A 262 -4.11 -22.92 -4.02
CA GLY A 262 -4.79 -24.19 -4.14
C GLY A 262 -5.50 -24.37 -5.46
N LYS A 263 -6.34 -25.40 -5.50
CA LYS A 263 -7.20 -25.70 -6.64
C LYS A 263 -8.47 -24.86 -6.62
N MET A 264 -9.23 -24.92 -7.70
CA MET A 264 -10.38 -24.04 -7.89
C MET A 264 -11.34 -24.00 -6.69
N GLU A 265 -11.68 -25.16 -6.14
CA GLU A 265 -12.67 -25.24 -5.06
C GLU A 265 -12.07 -25.23 -3.64
N ASP A 266 -10.77 -24.98 -3.50
CA ASP A 266 -10.12 -24.95 -2.19
C ASP A 266 -10.41 -23.63 -1.46
N ASP A 267 -10.99 -23.74 -0.26
CA ASP A 267 -11.26 -22.62 0.65
C ASP A 267 -9.92 -22.05 1.13
N ILE A 268 -9.77 -20.73 1.04
CA ILE A 268 -8.55 -20.02 1.50
C ILE A 268 -8.15 -20.37 2.94
N ASP A 269 -9.14 -20.59 3.81
CA ASP A 269 -8.83 -20.87 5.22
C ASP A 269 -8.55 -22.33 5.54
N LYS A 270 -8.65 -23.21 4.54
CA LYS A 270 -8.21 -24.61 4.67
C LYS A 270 -6.89 -24.88 3.96
N ILE A 271 -6.33 -23.87 3.29
CA ILE A 271 -5.02 -23.95 2.63
C ILE A 271 -3.95 -24.24 3.70
N LYS A 272 -3.15 -25.28 3.48
CA LYS A 272 -2.05 -25.66 4.38
C LYS A 272 -0.72 -25.09 3.87
N PRO A 273 0.27 -24.93 4.77
CA PRO A 273 1.54 -24.33 4.34
C PRO A 273 2.31 -25.06 3.24
N SER A 274 2.10 -26.37 3.13
CA SER A 274 2.71 -27.18 2.08
C SER A 274 2.00 -27.13 0.72
N GLU A 275 0.88 -26.41 0.63
CA GLU A 275 0.10 -26.36 -0.61
C GLU A 275 0.98 -25.98 -1.80
N SER A 276 0.98 -26.83 -2.82
CA SER A 276 1.86 -26.64 -3.98
C SER A 276 1.17 -26.06 -5.20
N ASN A 277 -0.16 -25.95 -5.18
CA ASN A 277 -0.92 -25.50 -6.35
C ASN A 277 -1.43 -24.08 -6.22
N VAL A 278 -1.63 -23.47 -7.39
CA VAL A 278 -2.36 -22.22 -7.54
C VAL A 278 -3.36 -22.37 -8.68
N THR A 279 -4.35 -21.49 -8.71
CA THR A 279 -5.33 -21.45 -9.79
C THR A 279 -5.35 -20.03 -10.34
N ILE A 280 -5.24 -19.89 -11.66
CA ILE A 280 -5.28 -18.61 -12.34
C ILE A 280 -6.70 -18.35 -12.84
N LEU A 281 -7.33 -17.29 -12.33
CA LEU A 281 -8.69 -16.93 -12.68
C LEU A 281 -8.79 -15.91 -13.80
N GLY A 282 -7.67 -15.28 -14.13
CA GLY A 282 -7.65 -14.31 -15.23
C GLY A 282 -6.38 -13.53 -15.20
N ARG A 283 -6.18 -12.74 -16.25
CA ARG A 283 -5.02 -11.88 -16.34
C ARG A 283 -5.37 -10.66 -17.17
N PHE A 284 -5.03 -9.48 -16.63
CA PHE A 284 -5.28 -8.21 -17.26
C PHE A 284 -3.98 -7.72 -17.85
N ASP A 285 -3.87 -7.77 -19.17
CA ASP A 285 -2.67 -7.33 -19.87
C ASP A 285 -2.77 -5.84 -20.24
N TYR A 286 -1.61 -5.24 -20.44
CA TYR A 286 -1.49 -3.83 -20.79
C TYR A 286 -0.13 -3.68 -21.47
N SER A 287 0.25 -2.45 -21.78
CA SER A 287 1.47 -2.21 -22.55
C SER A 287 2.40 -1.25 -21.85
N GLN A 288 3.69 -1.36 -22.16
CA GLN A 288 4.69 -0.37 -21.76
C GLN A 288 4.69 -0.10 -20.26
N CYS A 289 4.69 -1.18 -19.49
CA CYS A 289 4.81 -1.10 -18.04
C CYS A 289 5.68 -2.25 -17.58
N ASP A 290 6.87 -2.31 -18.17
CA ASP A 290 7.79 -3.42 -17.95
C ASP A 290 9.06 -3.01 -17.19
N ILE A 291 9.01 -1.83 -16.58
CA ILE A 291 10.02 -1.41 -15.62
C ILE A 291 9.58 -1.80 -14.21
N TRP A 292 10.55 -2.00 -13.33
CA TRP A 292 10.24 -2.32 -11.95
C TRP A 292 9.61 -1.13 -11.22
N TYR A 293 8.72 -1.44 -10.27
CA TYR A 293 8.26 -0.52 -9.20
C TYR A 293 7.13 0.39 -9.70
N MET A 294 6.02 -0.24 -10.07
CA MET A 294 4.84 0.45 -10.58
C MET A 294 3.62 -0.13 -9.84
N ARG A 295 2.87 0.72 -9.15
CA ARG A 295 1.78 0.26 -8.28
C ARG A 295 0.42 0.38 -8.94
N PHE A 296 -0.46 -0.59 -8.69
CA PHE A 296 -1.87 -0.45 -9.04
C PHE A 296 -2.65 -0.14 -7.77
N SER A 297 -3.85 0.42 -7.95
CA SER A 297 -4.70 0.81 -6.82
C SER A 297 -6.15 0.45 -7.10
N MET A 298 -6.94 0.34 -6.03
CA MET A 298 -8.37 0.10 -6.14
C MET A 298 -9.13 1.18 -5.42
N ASP A 299 -10.40 1.34 -5.80
CA ASP A 299 -11.28 2.23 -5.06
C ASP A 299 -11.70 1.60 -3.73
N PHE A 300 -12.35 2.38 -2.89
CA PHE A 300 -12.78 1.91 -1.56
C PHE A 300 -13.66 0.64 -1.63
N TRP A 301 -14.60 0.62 -2.57
CA TRP A 301 -15.53 -0.50 -2.67
C TRP A 301 -14.97 -1.71 -3.42
N GLN A 302 -13.80 -1.54 -4.04
CA GLN A 302 -13.16 -2.58 -4.88
CA GLN A 302 -13.19 -2.57 -4.88
C GLN A 302 -14.00 -2.92 -6.12
N LYS A 303 -14.64 -1.89 -6.65
CA LYS A 303 -15.32 -1.94 -7.94
C LYS A 303 -14.39 -1.71 -9.12
N MET A 304 -13.28 -1.03 -8.87
CA MET A 304 -12.40 -0.56 -9.92
C MET A 304 -10.93 -0.74 -9.55
N LEU A 305 -10.11 -0.86 -10.58
CA LEU A 305 -8.67 -1.08 -10.48
C LEU A 305 -7.99 -0.09 -11.43
N ALA A 306 -6.92 0.57 -11.00
CA ALA A 306 -6.18 1.47 -11.89
C ALA A 306 -4.68 1.22 -11.85
N LEU A 307 -4.05 1.38 -13.00
CA LEU A 307 -2.60 1.25 -13.12
C LEU A 307 -2.12 2.24 -14.18
N GLY A 308 -1.04 2.95 -13.89
CA GLY A 308 -0.36 3.76 -14.89
C GLY A 308 0.82 3.05 -15.48
N ASN A 309 1.21 3.44 -16.69
CA ASN A 309 2.37 2.84 -17.34
C ASN A 309 3.55 3.80 -17.44
N GLN A 310 4.63 3.35 -18.07
CA GLN A 310 5.89 4.10 -18.05
C GLN A 310 5.95 5.27 -19.02
N VAL A 311 4.90 5.45 -19.83
CA VAL A 311 4.79 6.56 -20.78
C VAL A 311 3.51 7.40 -20.54
N GLY A 312 2.94 7.30 -19.35
CA GLY A 312 1.89 8.23 -18.93
C GLY A 312 0.46 7.85 -19.27
N LYS A 313 0.23 6.59 -19.66
CA LYS A 313 -1.12 6.10 -19.96
C LYS A 313 -1.70 5.42 -18.72
N LEU A 314 -2.99 5.68 -18.48
CA LEU A 314 -3.73 5.03 -17.39
C LEU A 314 -4.64 3.95 -17.93
N TYR A 315 -4.65 2.82 -17.23
CA TYR A 315 -5.58 1.72 -17.47
C TYR A 315 -6.50 1.62 -16.25
N VAL A 316 -7.80 1.52 -16.51
CA VAL A 316 -8.80 1.40 -15.47
C VAL A 316 -9.68 0.20 -15.82
N TRP A 317 -9.82 -0.73 -14.88
CA TRP A 317 -10.66 -1.90 -15.08
C TRP A 317 -11.86 -1.85 -14.14
N ASP A 318 -13.03 -2.09 -14.73
CA ASP A 318 -14.30 -2.24 -14.03
C ASP A 318 -14.40 -3.71 -13.63
N LEU A 319 -14.38 -3.97 -12.33
CA LEU A 319 -14.46 -5.31 -11.77
C LEU A 319 -15.87 -5.71 -11.35
N GLU A 320 -16.86 -4.89 -11.68
CA GLU A 320 -18.27 -5.16 -11.37
C GLU A 320 -18.88 -6.08 -12.44
N VAL A 321 -18.35 -7.30 -12.46
CA VAL A 321 -18.70 -8.34 -13.43
C VAL A 321 -18.66 -9.67 -12.68
N GLU A 322 -19.23 -10.71 -13.27
CA GLU A 322 -19.48 -11.96 -12.55
C GLU A 322 -18.22 -12.75 -12.21
N ASP A 323 -17.17 -12.62 -13.02
CA ASP A 323 -15.93 -13.37 -12.81
C ASP A 323 -14.76 -12.44 -13.14
N PRO A 324 -13.58 -12.69 -12.55
CA PRO A 324 -12.47 -11.75 -12.76
C PRO A 324 -12.08 -11.51 -14.22
N HIS A 325 -12.11 -12.58 -15.04
CA HIS A 325 -11.63 -12.47 -16.41
C HIS A 325 -12.55 -11.66 -17.34
N LYS A 326 -13.73 -11.29 -16.83
CA LYS A 326 -14.69 -10.46 -17.57
C LYS A 326 -14.51 -8.96 -17.32
N ALA A 327 -13.49 -8.57 -16.56
CA ALA A 327 -13.23 -7.16 -16.29
C ALA A 327 -13.18 -6.33 -17.56
N LYS A 328 -13.72 -5.12 -17.49
CA LYS A 328 -13.85 -4.22 -18.64
C LYS A 328 -12.84 -3.09 -18.50
N CYS A 329 -11.96 -2.95 -19.50
CA CYS A 329 -10.87 -1.99 -19.45
C CYS A 329 -11.20 -0.72 -20.21
N THR A 330 -10.83 0.41 -19.62
CA THR A 330 -10.83 1.68 -20.33
C THR A 330 -9.46 2.31 -20.13
N THR A 331 -9.08 3.17 -21.07
CA THR A 331 -7.77 3.81 -21.02
C THR A 331 -7.91 5.31 -21.07
N LEU A 332 -6.99 6.00 -20.39
CA LEU A 332 -7.00 7.45 -20.25
C LEU A 332 -5.64 8.00 -20.61
N THR A 333 -5.60 8.89 -21.60
CA THR A 333 -4.35 9.53 -22.02
C THR A 333 -4.55 11.03 -22.16
N HIS A 334 -3.45 11.76 -21.98
CA HIS A 334 -3.39 13.19 -22.26
C HIS A 334 -2.09 13.46 -22.99
N HIS A 335 -2.13 14.31 -24.02
CA HIS A 335 -0.94 14.56 -24.84
C HIS A 335 0.27 15.16 -24.11
N LYS A 336 0.03 15.79 -22.96
CA LYS A 336 1.10 16.37 -22.13
C LYS A 336 1.58 15.45 -21.00
N CYS A 337 0.92 14.29 -20.82
CA CYS A 337 1.27 13.36 -19.76
C CYS A 337 2.04 12.20 -20.38
N GLY A 338 3.37 12.27 -20.29
CA GLY A 338 4.25 11.28 -20.89
C GLY A 338 5.25 10.61 -19.97
N ALA A 339 5.24 10.95 -18.67
CA ALA A 339 6.19 10.39 -17.71
C ALA A 339 5.57 9.17 -17.03
N ALA A 340 6.45 8.33 -16.47
CA ALA A 340 6.02 7.10 -15.82
C ALA A 340 5.14 7.39 -14.61
N ILE A 341 3.99 6.73 -14.53
CA ILE A 341 3.04 6.89 -13.44
C ILE A 341 3.31 5.81 -12.40
N ARG A 342 3.84 6.20 -11.25
CA ARG A 342 4.25 5.26 -10.21
C ARG A 342 3.12 4.76 -9.33
N GLN A 343 2.13 5.61 -9.08
CA GLN A 343 0.96 5.21 -8.29
C GLN A 343 -0.20 6.12 -8.64
N THR A 344 -1.41 5.59 -8.41
CA THR A 344 -2.65 6.31 -8.54
C THR A 344 -3.43 6.18 -7.24
N SER A 345 -4.43 7.05 -7.07
CA SER A 345 -5.36 6.95 -5.93
C SER A 345 -6.73 7.47 -6.34
N PHE A 346 -7.76 6.68 -6.03
CA PHE A 346 -9.13 7.12 -6.16
C PHE A 346 -9.57 7.80 -4.87
N SER A 347 -10.39 8.85 -5.00
CA SER A 347 -11.13 9.36 -3.88
C SER A 347 -12.09 8.28 -3.36
N ARG A 348 -12.56 8.42 -2.12
CA ARG A 348 -13.41 7.39 -1.50
C ARG A 348 -14.66 7.07 -2.32
N ASP A 349 -15.26 8.12 -2.91
CA ASP A 349 -16.44 7.96 -3.79
C ASP A 349 -16.11 7.64 -5.26
N SER A 350 -14.82 7.55 -5.55
CA SER A 350 -14.25 7.31 -6.87
C SER A 350 -14.64 8.35 -7.95
N SER A 351 -15.00 9.55 -7.52
CA SER A 351 -15.25 10.66 -8.43
C SER A 351 -13.97 11.29 -8.95
N ILE A 352 -12.85 11.09 -8.24
CA ILE A 352 -11.57 11.64 -8.65
C ILE A 352 -10.51 10.53 -8.65
N LEU A 353 -9.65 10.55 -9.68
CA LEU A 353 -8.49 9.69 -9.78
C LEU A 353 -7.27 10.59 -9.95
N ILE A 354 -6.29 10.43 -9.05
CA ILE A 354 -5.02 11.17 -9.14
C ILE A 354 -3.90 10.21 -9.54
N ALA A 355 -3.05 10.65 -10.46
CA ALA A 355 -1.86 9.92 -10.89
C ALA A 355 -0.63 10.76 -10.62
N VAL A 356 0.44 10.14 -10.12
CA VAL A 356 1.69 10.84 -9.87
C VAL A 356 2.84 10.18 -10.62
N CYS A 357 3.83 10.99 -10.99
CA CYS A 357 4.80 10.62 -12.00
C CYS A 357 6.27 10.82 -11.64
N ASP A 358 7.12 10.20 -12.45
CA ASP A 358 8.58 10.28 -12.32
C ASP A 358 9.18 11.67 -12.47
N ASP A 359 8.47 12.57 -13.15
CA ASP A 359 8.92 13.95 -13.34
C ASP A 359 8.31 14.92 -12.31
N ALA A 360 7.78 14.38 -11.21
CA ALA A 360 7.16 15.16 -10.13
C ALA A 360 5.80 15.75 -10.50
N SER A 361 5.20 15.29 -11.60
CA SER A 361 3.90 15.77 -12.00
C SER A 361 2.75 14.97 -11.36
N ILE A 362 1.62 15.66 -11.25
CA ILE A 362 0.39 15.20 -10.61
C ILE A 362 -0.75 15.48 -11.58
N TRP A 363 -1.58 14.47 -11.85
CA TRP A 363 -2.64 14.54 -12.86
C TRP A 363 -3.96 14.22 -12.20
N ARG A 364 -4.95 15.08 -12.39
CA ARG A 364 -6.28 14.89 -11.83
C ARG A 364 -7.30 14.58 -12.91
N TRP A 365 -7.98 13.46 -12.70
CA TRP A 365 -9.06 12.98 -13.59
C TRP A 365 -10.36 12.94 -12.79
N ASP A 366 -11.43 13.56 -13.31
CA ASP A 366 -12.71 13.61 -12.63
C ASP A 366 -13.75 12.86 -13.45
N ARG A 367 -14.65 12.18 -12.74
CA ARG A 367 -15.75 11.42 -13.35
C ARG A 367 -16.92 12.37 -13.51
#